data_5Y41
#
_entry.id   5Y41
#
_cell.length_a   88.520
_cell.length_b   131.460
_cell.length_c   47.130
_cell.angle_alpha   90.00
_cell.angle_beta   90.00
_cell.angle_gamma   90.00
#
_symmetry.space_group_name_H-M   'P 21 21 2'
#
loop_
_entity.id
_entity.type
_entity.pdbx_description
1 polymer 'Nuclear receptor subfamily 4 group A member 2'
2 non-polymer '(13E,15S)-15-hydroxy-9-oxoprosta-10,13-dien-1-oic acid'
3 non-polymer 'TRIETHYLENE GLYCOL'
4 non-polymer DI(HYDROXYETHYL)ETHER
5 non-polymer 'CHLORIDE ION'
6 non-polymer 'MAGNESIUM ION'
7 water water
#
_entity_poly.entity_id   1
_entity_poly.type   'polypeptide(L)'
_entity_poly.pdbx_seq_one_letter_code
;MVKEVVRTDSLKGRRGRLPSKPKSPQEPSPPSPPVSLISALVRAHVDSNPAMTSLDYSRFQANPDYQMSGDDTQHIQQFY
DLLTGSMEIIRGWAEKIPGFADLPKADQDLLFESAFLELFVLRLAYRSNPVEGKLIFCNGVVLHRLQCVRGFGEWIDSIV
EFSSNLQNMNIDISAFSCIAALAMVTERHGLKEPKRVEELQNKIVNCLKDHVTFNNGGLNRPNYLSKLLGKLPELRTLCT
QGLQRIFYLKLEDLVPPPAIIDKLFLDTLPF
;
_entity_poly.pdbx_strand_id   A,B
#
# COMPACT_ATOMS: atom_id res chain seq x y z
N VAL A 35 -11.77 12.43 -8.32
CA VAL A 35 -10.77 11.31 -8.26
C VAL A 35 -10.70 10.72 -9.66
N SER A 36 -9.50 10.65 -10.26
CA SER A 36 -9.30 9.95 -11.54
C SER A 36 -9.60 8.44 -11.44
N LEU A 37 -9.87 7.79 -12.57
CA LEU A 37 -10.18 6.36 -12.56
C LEU A 37 -9.03 5.51 -12.01
N ILE A 38 -7.81 5.79 -12.47
CA ILE A 38 -6.63 5.07 -12.01
C ILE A 38 -6.40 5.22 -10.51
N SER A 39 -6.62 6.43 -9.95
CA SER A 39 -6.60 6.68 -8.51
C SER A 39 -7.61 5.82 -7.79
N ALA A 40 -8.84 5.75 -8.31
CA ALA A 40 -9.85 4.91 -7.72
C ALA A 40 -9.45 3.41 -7.77
N LEU A 41 -8.84 2.98 -8.88
CA LEU A 41 -8.37 1.59 -9.01
C LEU A 41 -7.24 1.28 -8.04
N VAL A 42 -6.34 2.27 -7.84
CA VAL A 42 -5.22 2.09 -6.91
C VAL A 42 -5.74 1.99 -5.48
N ARG A 43 -6.71 2.84 -5.13
CA ARG A 43 -7.28 2.86 -3.79
C ARG A 43 -7.97 1.54 -3.53
N ALA A 44 -8.72 1.02 -4.52
CA ALA A 44 -9.44 -0.22 -4.38
C ALA A 44 -8.41 -1.32 -4.06
N HIS A 45 -7.30 -1.32 -4.81
CA HIS A 45 -6.23 -2.30 -4.56
C HIS A 45 -5.58 -2.16 -3.16
N VAL A 46 -5.13 -0.94 -2.85
CA VAL A 46 -4.42 -0.69 -1.57
C VAL A 46 -5.31 -0.98 -0.34
N ASP A 47 -6.58 -0.58 -0.43
CA ASP A 47 -7.49 -0.77 0.69
C ASP A 47 -8.08 -2.17 0.76
N SER A 48 -7.67 -3.07 -0.14
CA SER A 48 -8.12 -4.46 -0.01
C SER A 48 -6.93 -5.43 0.13
N ASN A 49 -5.77 -4.92 0.48
CA ASN A 49 -4.56 -5.74 0.61
C ASN A 49 -3.95 -5.47 1.98
N PRO A 50 -3.27 -6.48 2.55
CA PRO A 50 -2.62 -6.17 3.84
C PRO A 50 -1.44 -5.21 3.64
N ALA A 51 -1.10 -4.50 4.68
CA ALA A 51 -0.06 -3.50 4.61
C ALA A 51 1.27 -4.17 5.00
N MET A 52 2.31 -3.88 4.23
CA MET A 52 3.67 -4.27 4.55
C MET A 52 4.06 -3.92 6.01
N THR A 53 3.50 -2.84 6.56
CA THR A 53 3.84 -2.43 7.92
C THR A 53 3.07 -3.17 9.00
N SER A 54 2.07 -3.95 8.63
CA SER A 54 1.44 -4.83 9.64
C SER A 54 1.16 -6.27 9.14
N LEU A 55 2.25 -6.94 8.75
CA LEU A 55 2.23 -8.35 8.35
C LEU A 55 2.23 -9.20 9.61
N ASP A 56 1.66 -10.40 9.55
CA ASP A 56 1.63 -11.28 10.70
C ASP A 56 2.56 -12.49 10.46
N TYR A 57 3.70 -12.47 11.16
CA TYR A 57 4.68 -13.55 11.17
C TYR A 57 4.46 -14.61 12.22
N SER A 58 3.39 -14.49 13.01
CA SER A 58 3.17 -15.39 14.19
C SER A 58 2.96 -16.88 13.85
N ARG A 59 2.78 -17.22 12.58
CA ARG A 59 2.55 -18.61 12.18
C ARG A 59 3.61 -19.13 11.20
N PHE A 60 4.54 -18.25 10.77
CA PHE A 60 5.49 -18.57 9.71
C PHE A 60 6.53 -19.58 10.18
N GLN A 61 6.91 -20.52 9.30
CA GLN A 61 7.99 -21.46 9.59
C GLN A 61 8.81 -21.71 8.34
N ALA A 62 10.06 -21.29 8.36
CA ALA A 62 10.96 -21.44 7.21
C ALA A 62 11.28 -22.91 6.86
N ASN A 63 10.96 -23.83 7.78
CA ASN A 63 11.28 -25.23 7.65
C ASN A 63 10.36 -26.10 8.54
N PRO A 64 9.05 -26.20 8.19
CA PRO A 64 8.12 -26.80 9.14
C PRO A 64 8.30 -28.32 9.34
N ASP A 65 7.78 -28.81 10.47
CA ASP A 65 7.74 -30.24 10.74
C ASP A 65 6.41 -30.84 10.30
N ASP A 71 -1.32 -33.36 5.36
CA ASP A 71 -2.30 -34.41 5.66
C ASP A 71 -3.26 -34.08 6.79
N ASP A 72 -2.82 -33.24 7.75
CA ASP A 72 -3.70 -32.75 8.80
C ASP A 72 -4.97 -32.16 8.20
N THR A 73 -6.07 -32.48 8.86
CA THR A 73 -7.35 -31.84 8.70
C THR A 73 -7.24 -30.31 8.94
N GLN A 74 -6.29 -29.92 9.81
CA GLN A 74 -5.97 -28.55 10.13
C GLN A 74 -5.52 -27.76 8.92
N HIS A 75 -4.57 -28.33 8.16
CA HIS A 75 -4.06 -27.68 6.94
C HIS A 75 -5.15 -27.51 5.87
N ILE A 76 -6.04 -28.50 5.75
CA ILE A 76 -7.15 -28.42 4.81
C ILE A 76 -8.11 -27.30 5.23
N GLN A 77 -8.47 -27.30 6.52
CA GLN A 77 -9.36 -26.31 7.06
C GLN A 77 -8.82 -24.89 6.83
N GLN A 78 -7.54 -24.70 7.09
CA GLN A 78 -6.90 -23.39 6.88
C GLN A 78 -6.90 -23.00 5.39
N PHE A 79 -6.65 -23.98 4.52
CA PHE A 79 -6.75 -23.76 3.10
C PHE A 79 -8.18 -23.19 2.75
N TYR A 80 -9.23 -23.82 3.26
CA TYR A 80 -10.59 -23.30 3.07
C TYR A 80 -10.83 -21.90 3.68
N ASP A 81 -10.34 -21.68 4.92
CA ASP A 81 -10.39 -20.38 5.57
C ASP A 81 -9.71 -19.32 4.74
N LEU A 82 -8.56 -19.62 4.15
CA LEU A 82 -7.89 -18.63 3.33
C LEU A 82 -8.71 -18.31 2.08
N LEU A 83 -9.34 -19.32 1.48
CA LEU A 83 -10.21 -19.04 0.36
C LEU A 83 -11.44 -18.20 0.78
N THR A 84 -12.09 -18.58 1.86
CA THR A 84 -13.34 -17.88 2.23
C THR A 84 -13.06 -16.45 2.73
N GLY A 85 -12.00 -16.27 3.53
CA GLY A 85 -11.53 -14.93 3.96
C GLY A 85 -11.20 -14.07 2.73
N SER A 86 -10.51 -14.64 1.76
CA SER A 86 -10.20 -13.91 0.53
C SER A 86 -11.41 -13.51 -0.34
N MET A 87 -12.45 -14.36 -0.38
CA MET A 87 -13.71 -14.05 -1.06
C MET A 87 -14.31 -12.73 -0.58
N GLU A 88 -14.36 -12.56 0.73
CA GLU A 88 -14.95 -11.36 1.32
C GLU A 88 -14.15 -10.08 0.99
N ILE A 89 -12.83 -10.18 1.10
CA ILE A 89 -11.94 -9.05 0.83
C ILE A 89 -11.97 -8.67 -0.66
N ILE A 90 -11.97 -9.67 -1.54
CA ILE A 90 -12.05 -9.42 -3.01
C ILE A 90 -13.42 -8.83 -3.42
N ARG A 91 -14.47 -9.24 -2.73
CA ARG A 91 -15.80 -8.71 -2.93
C ARG A 91 -15.78 -7.21 -2.57
N GLY A 92 -15.14 -6.86 -1.45
CA GLY A 92 -15.00 -5.44 -1.05
C GLY A 92 -14.15 -4.67 -2.08
N TRP A 93 -13.07 -5.30 -2.57
CA TRP A 93 -12.27 -4.70 -3.64
C TRP A 93 -13.15 -4.38 -4.87
N ALA A 94 -13.95 -5.37 -5.30
CA ALA A 94 -14.80 -5.27 -6.49
C ALA A 94 -15.80 -4.11 -6.38
N GLU A 95 -16.42 -3.99 -5.21
CA GLU A 95 -17.33 -2.88 -4.92
C GLU A 95 -16.69 -1.49 -4.91
N LYS A 96 -15.36 -1.45 -4.77
CA LYS A 96 -14.61 -0.19 -4.84
C LYS A 96 -14.17 0.17 -6.28
N ILE A 97 -14.45 -0.70 -7.26
CA ILE A 97 -14.13 -0.40 -8.68
C ILE A 97 -15.24 0.49 -9.24
N PRO A 98 -14.91 1.73 -9.69
CA PRO A 98 -15.97 2.61 -10.21
C PRO A 98 -16.77 1.93 -11.31
N GLY A 99 -18.09 2.04 -11.26
CA GLY A 99 -18.95 1.40 -12.24
C GLY A 99 -19.42 -0.01 -11.86
N PHE A 100 -18.64 -0.74 -11.05
CA PHE A 100 -19.00 -2.13 -10.76
C PHE A 100 -20.33 -2.25 -10.01
N ALA A 101 -20.48 -1.41 -8.97
CA ALA A 101 -21.73 -1.35 -8.20
C ALA A 101 -22.90 -0.79 -9.01
N ASP A 102 -22.62 -0.19 -10.17
CA ASP A 102 -23.70 0.30 -11.05
C ASP A 102 -24.34 -0.82 -11.90
N LEU A 103 -23.67 -1.98 -11.98
CA LEU A 103 -24.21 -3.08 -12.79
C LEU A 103 -25.35 -3.78 -12.06
N PRO A 104 -26.26 -4.46 -12.79
CA PRO A 104 -27.27 -5.27 -12.07
C PRO A 104 -26.63 -6.23 -11.10
N LYS A 105 -27.34 -6.56 -10.02
CA LYS A 105 -26.77 -7.47 -9.00
C LYS A 105 -26.29 -8.81 -9.60
N ALA A 106 -27.11 -9.38 -10.49
CA ALA A 106 -26.77 -10.63 -11.20
C ALA A 106 -25.47 -10.52 -12.01
N ASP A 107 -25.22 -9.36 -12.61
CA ASP A 107 -24.00 -9.12 -13.38
C ASP A 107 -22.78 -9.04 -12.45
N GLN A 108 -22.95 -8.32 -11.34
CA GLN A 108 -21.93 -8.27 -10.30
C GLN A 108 -21.54 -9.67 -9.79
N ASP A 109 -22.55 -10.49 -9.45
CA ASP A 109 -22.34 -11.87 -9.02
C ASP A 109 -21.67 -12.68 -10.09
N LEU A 110 -22.17 -12.59 -11.33
CA LEU A 110 -21.52 -13.33 -12.42
C LEU A 110 -20.01 -12.95 -12.57
N LEU A 111 -19.72 -11.65 -12.60
CA LEU A 111 -18.35 -11.18 -12.79
C LEU A 111 -17.44 -11.60 -11.62
N PHE A 112 -17.93 -11.42 -10.40
CA PHE A 112 -17.17 -11.74 -9.20
C PHE A 112 -16.89 -13.23 -9.09
N GLU A 113 -17.95 -14.03 -9.25
CA GLU A 113 -17.86 -15.44 -9.09
C GLU A 113 -16.98 -16.08 -10.15
N SER A 114 -17.12 -15.63 -11.40
CA SER A 114 -16.31 -16.17 -12.50
C SER A 114 -14.80 -15.84 -12.34
N ALA A 115 -14.49 -14.72 -11.67
CA ALA A 115 -13.13 -14.20 -11.58
C ALA A 115 -12.45 -14.53 -10.22
N PHE A 116 -13.21 -15.00 -9.27
CA PHE A 116 -12.75 -15.10 -7.90
C PHE A 116 -11.40 -15.80 -7.73
N LEU A 117 -11.27 -17.00 -8.26
CA LEU A 117 -10.06 -17.78 -8.11
C LEU A 117 -8.90 -17.17 -8.88
N GLU A 118 -9.18 -16.65 -10.07
CA GLU A 118 -8.18 -15.87 -10.81
C GLU A 118 -7.65 -14.70 -9.97
N LEU A 119 -8.56 -13.97 -9.30
CA LEU A 119 -8.18 -12.80 -8.50
C LEU A 119 -7.40 -13.23 -7.26
N PHE A 120 -7.87 -14.30 -6.58
CA PHE A 120 -7.17 -14.84 -5.42
C PHE A 120 -5.69 -15.12 -5.80
N VAL A 121 -5.47 -15.74 -6.96
CA VAL A 121 -4.16 -16.14 -7.40
C VAL A 121 -3.33 -14.90 -7.83
N LEU A 122 -3.96 -14.00 -8.60
CA LEU A 122 -3.27 -12.83 -9.10
C LEU A 122 -2.73 -11.94 -7.96
N ARG A 123 -3.58 -11.71 -6.98
CA ARG A 123 -3.27 -10.80 -5.88
C ARG A 123 -2.31 -11.46 -4.90
N LEU A 124 -2.45 -12.78 -4.74
CA LEU A 124 -1.51 -13.58 -3.93
C LEU A 124 -0.13 -13.52 -4.55
N ALA A 125 -0.08 -13.75 -5.86
CA ALA A 125 1.19 -13.75 -6.61
C ALA A 125 1.87 -12.37 -6.58
N TYR A 126 1.08 -11.30 -6.66
CA TYR A 126 1.64 -9.94 -6.67
C TYR A 126 2.26 -9.53 -5.34
N ARG A 127 1.60 -9.93 -4.26
CA ARG A 127 1.86 -9.54 -2.84
C ARG A 127 3.03 -10.35 -2.29
N SER A 128 3.23 -11.56 -2.79
CA SER A 128 4.12 -12.53 -2.16
C SER A 128 5.61 -12.30 -2.47
N ASN A 129 6.47 -13.06 -1.80
CA ASN A 129 7.91 -13.00 -2.05
C ASN A 129 8.37 -14.38 -2.51
N PRO A 130 8.25 -14.65 -3.82
CA PRO A 130 8.54 -15.99 -4.37
C PRO A 130 9.98 -16.47 -4.16
N VAL A 131 10.96 -15.57 -4.29
CA VAL A 131 12.40 -15.88 -4.06
C VAL A 131 12.64 -16.45 -2.65
N GLU A 132 11.90 -15.94 -1.66
CA GLU A 132 12.05 -16.45 -0.30
C GLU A 132 11.04 -17.55 0.04
N GLY A 133 10.18 -17.90 -0.92
CA GLY A 133 9.09 -18.86 -0.69
C GLY A 133 8.05 -18.35 0.31
N LYS A 134 7.85 -17.02 0.36
CA LYS A 134 6.93 -16.40 1.32
C LYS A 134 5.61 -16.02 0.64
N LEU A 135 4.55 -16.69 1.06
CA LEU A 135 3.18 -16.39 0.62
C LEU A 135 2.59 -15.46 1.62
N ILE A 136 1.99 -14.40 1.10
CA ILE A 136 1.41 -13.40 2.00
C ILE A 136 -0.07 -13.38 1.64
N PHE A 137 -0.90 -13.83 2.57
CA PHE A 137 -2.36 -13.88 2.32
C PHE A 137 -3.03 -12.55 2.59
N CYS A 138 -4.28 -12.40 2.16
CA CYS A 138 -4.97 -11.08 2.18
C CYS A 138 -5.15 -10.58 3.59
N ASN A 139 -5.20 -11.49 4.57
CA ASN A 139 -5.26 -11.03 5.96
C ASN A 139 -3.87 -10.68 6.56
N GLY A 140 -2.81 -10.72 5.75
CA GLY A 140 -1.47 -10.33 6.27
C GLY A 140 -0.64 -11.47 6.87
N VAL A 141 -1.22 -12.68 6.88
CA VAL A 141 -0.54 -13.87 7.41
C VAL A 141 0.54 -14.30 6.40
N VAL A 142 1.78 -14.47 6.92
CA VAL A 142 2.89 -14.91 6.11
C VAL A 142 3.19 -16.39 6.43
N LEU A 143 3.17 -17.20 5.37
CA LEU A 143 3.41 -18.63 5.46
C LEU A 143 4.44 -19.03 4.41
N HIS A 144 5.29 -19.98 4.75
CA HIS A 144 6.17 -20.54 3.77
C HIS A 144 5.44 -21.45 2.78
N ARG A 145 5.94 -21.49 1.55
CA ARG A 145 5.50 -22.44 0.54
C ARG A 145 5.38 -23.90 1.07
N LEU A 146 6.36 -24.32 1.87
CA LEU A 146 6.38 -25.63 2.46
C LEU A 146 5.28 -25.83 3.51
N GLN A 147 4.83 -24.73 4.13
CA GLN A 147 3.66 -24.80 4.98
C GLN A 147 2.36 -24.93 4.18
N CYS A 148 2.33 -24.42 2.96
CA CYS A 148 1.08 -24.41 2.13
C CYS A 148 0.80 -25.72 1.41
N VAL A 149 1.85 -26.51 1.28
CA VAL A 149 1.87 -27.75 0.49
C VAL A 149 0.80 -28.74 0.98
N ARG A 150 0.65 -28.90 2.27
CA ARG A 150 -0.36 -29.81 2.79
C ARG A 150 -1.82 -29.40 2.50
N GLY A 151 -2.11 -28.09 2.47
CA GLY A 151 -3.47 -27.62 2.18
C GLY A 151 -3.73 -27.46 0.67
N PHE A 152 -2.77 -26.81 0.00
CA PHE A 152 -2.87 -26.41 -1.40
C PHE A 152 -2.42 -27.49 -2.37
N GLY A 153 -1.68 -28.50 -1.89
CA GLY A 153 -1.04 -29.48 -2.78
C GLY A 153 -0.10 -28.79 -3.76
N GLU A 154 -0.03 -29.31 -4.99
CA GLU A 154 0.84 -28.80 -6.05
C GLU A 154 0.54 -27.39 -6.49
N TRP A 155 -0.74 -27.02 -6.41
CA TRP A 155 -1.21 -25.71 -6.82
C TRP A 155 -0.34 -24.56 -6.23
N ILE A 156 0.14 -24.71 -4.99
CA ILE A 156 0.97 -23.66 -4.40
C ILE A 156 2.28 -23.44 -5.19
N ASP A 157 2.89 -24.54 -5.65
CA ASP A 157 4.07 -24.49 -6.52
C ASP A 157 3.80 -23.74 -7.82
N SER A 158 2.66 -24.00 -8.47
CA SER A 158 2.24 -23.22 -9.64
C SER A 158 2.06 -21.73 -9.31
N ILE A 159 1.46 -21.44 -8.17
CA ILE A 159 1.27 -20.07 -7.71
C ILE A 159 2.62 -19.33 -7.56
N VAL A 160 3.60 -19.98 -6.93
CA VAL A 160 4.88 -19.36 -6.65
C VAL A 160 5.65 -19.08 -7.97
N GLU A 161 5.57 -20.04 -8.89
CA GLU A 161 6.15 -19.94 -10.22
C GLU A 161 5.57 -18.74 -10.97
N PHE A 162 4.24 -18.63 -11.00
CA PHE A 162 3.56 -17.50 -11.60
C PHE A 162 3.92 -16.18 -10.91
N SER A 163 4.00 -16.19 -9.58
CA SER A 163 4.46 -15.03 -8.79
C SER A 163 5.83 -14.53 -9.30
N SER A 164 6.76 -15.48 -9.43
CA SER A 164 8.09 -15.24 -9.94
C SER A 164 8.05 -14.60 -11.30
N ASN A 165 7.33 -15.23 -12.23
CA ASN A 165 7.14 -14.65 -13.57
C ASN A 165 6.45 -13.28 -13.58
N LEU A 166 5.48 -13.09 -12.69
CA LEU A 166 4.74 -11.84 -12.62
C LEU A 166 5.67 -10.70 -12.15
N GLN A 167 6.42 -10.99 -11.10
CA GLN A 167 7.28 -10.00 -10.49
C GLN A 167 8.47 -9.63 -11.34
N ASN A 168 8.97 -10.59 -12.12
CA ASN A 168 9.98 -10.31 -13.15
C ASN A 168 9.56 -9.24 -14.17
N MET A 169 8.26 -9.02 -14.31
CA MET A 169 7.78 -8.00 -15.22
C MET A 169 7.80 -6.58 -14.69
N ASN A 170 8.06 -6.41 -13.37
CA ASN A 170 8.15 -5.08 -12.72
C ASN A 170 6.91 -4.25 -12.98
N ILE A 171 5.78 -4.77 -12.55
CA ILE A 171 4.51 -4.12 -12.78
C ILE A 171 4.27 -3.24 -11.58
N ASP A 172 4.18 -1.92 -11.82
CA ASP A 172 3.98 -0.98 -10.71
C ASP A 172 2.56 -1.10 -10.17
N ILE A 173 2.31 -0.49 -9.03
CA ILE A 173 1.02 -0.57 -8.35
C ILE A 173 -0.14 -0.10 -9.23
N SER A 174 0.07 0.99 -9.96
CA SER A 174 -0.98 1.56 -10.81
C SER A 174 -1.33 0.60 -11.94
N ALA A 175 -0.33 0.05 -12.64
CA ALA A 175 -0.58 -0.92 -13.71
C ALA A 175 -1.23 -2.19 -13.17
N PHE A 176 -0.77 -2.67 -12.01
CA PHE A 176 -1.36 -3.86 -11.43
C PHE A 176 -2.85 -3.65 -11.07
N SER A 177 -3.16 -2.47 -10.51
CA SER A 177 -4.51 -2.16 -10.13
C SER A 177 -5.46 -2.27 -11.33
N CYS A 178 -4.98 -1.85 -12.52
CA CYS A 178 -5.73 -1.92 -13.77
C CYS A 178 -5.93 -3.37 -14.23
N ILE A 179 -4.85 -4.13 -14.18
CA ILE A 179 -4.81 -5.55 -14.61
C ILE A 179 -5.76 -6.41 -13.77
N ALA A 180 -5.68 -6.25 -12.46
CA ALA A 180 -6.58 -6.89 -11.50
C ALA A 180 -8.04 -6.57 -11.87
N ALA A 181 -8.35 -5.28 -12.08
CA ALA A 181 -9.71 -4.88 -12.49
C ALA A 181 -10.14 -5.58 -13.78
N LEU A 182 -9.21 -5.66 -14.75
CA LEU A 182 -9.47 -6.30 -16.04
C LEU A 182 -9.66 -7.81 -15.95
N ALA A 183 -9.18 -8.44 -14.90
CA ALA A 183 -9.42 -9.87 -14.72
C ALA A 183 -10.87 -10.07 -14.33
N MET A 184 -11.44 -9.06 -13.68
CA MET A 184 -12.85 -9.16 -13.35
C MET A 184 -13.83 -8.48 -14.31
N VAL A 185 -13.54 -7.27 -14.76
CA VAL A 185 -14.38 -6.54 -15.65
C VAL A 185 -14.07 -6.98 -17.08
N THR A 186 -14.77 -8.03 -17.49
CA THR A 186 -14.46 -8.74 -18.73
C THR A 186 -15.73 -9.44 -19.23
N GLU A 187 -15.83 -9.65 -20.54
CA GLU A 187 -16.93 -10.43 -21.14
C GLU A 187 -17.14 -11.81 -20.49
N ARG A 188 -18.39 -12.08 -20.07
CA ARG A 188 -18.80 -13.37 -19.55
C ARG A 188 -20.11 -13.68 -20.24
N HIS A 189 -20.42 -14.96 -20.47
CA HIS A 189 -21.67 -15.26 -21.17
C HIS A 189 -22.84 -15.06 -20.23
N GLY A 190 -23.89 -14.39 -20.72
CA GLY A 190 -25.09 -14.21 -19.92
C GLY A 190 -25.17 -12.96 -19.04
N LEU A 191 -24.40 -11.93 -19.37
CA LEU A 191 -24.54 -10.63 -18.71
C LEU A 191 -25.82 -9.90 -19.17
N LYS A 192 -26.52 -9.29 -18.23
CA LYS A 192 -27.64 -8.41 -18.53
C LYS A 192 -27.22 -7.09 -19.17
N GLU A 193 -26.09 -6.52 -18.76
CA GLU A 193 -25.58 -5.28 -19.38
C GLU A 193 -24.15 -5.44 -19.98
N PRO A 194 -24.01 -6.28 -21.04
CA PRO A 194 -22.67 -6.53 -21.56
C PRO A 194 -21.98 -5.30 -22.15
N LYS A 195 -22.75 -4.37 -22.72
CA LYS A 195 -22.17 -3.13 -23.28
C LYS A 195 -21.54 -2.25 -22.22
N ARG A 196 -22.19 -2.18 -21.06
CA ARG A 196 -21.68 -1.42 -19.93
C ARG A 196 -20.39 -2.05 -19.36
N VAL A 197 -20.37 -3.37 -19.20
CA VAL A 197 -19.14 -4.06 -18.81
C VAL A 197 -18.02 -3.75 -19.82
N GLU A 198 -18.34 -3.82 -21.11
CA GLU A 198 -17.37 -3.55 -22.14
C GLU A 198 -16.86 -2.13 -22.13
N GLU A 199 -17.74 -1.15 -21.88
CA GLU A 199 -17.29 0.24 -21.76
C GLU A 199 -16.36 0.43 -20.56
N LEU A 200 -16.70 -0.20 -19.43
CA LEU A 200 -15.89 -0.07 -18.28
C LEU A 200 -14.52 -0.74 -18.54
N GLN A 201 -14.54 -1.90 -19.19
CA GLN A 201 -13.31 -2.59 -19.59
C GLN A 201 -12.44 -1.64 -20.40
N ASN A 202 -13.00 -1.06 -21.45
CA ASN A 202 -12.30 -0.14 -22.32
C ASN A 202 -11.74 1.08 -21.61
N LYS A 203 -12.49 1.64 -20.65
CA LYS A 203 -12.00 2.78 -19.86
C LYS A 203 -10.76 2.36 -19.11
N ILE A 204 -10.80 1.17 -18.50
CA ILE A 204 -9.67 0.67 -17.71
C ILE A 204 -8.45 0.39 -18.62
N VAL A 205 -8.68 -0.18 -19.80
CA VAL A 205 -7.63 -0.46 -20.77
C VAL A 205 -6.91 0.86 -21.13
N ASN A 206 -7.70 1.90 -21.39
CA ASN A 206 -7.18 3.22 -21.74
C ASN A 206 -6.37 3.93 -20.62
N CYS A 207 -6.80 3.80 -19.35
CA CYS A 207 -6.03 4.19 -18.19
C CYS A 207 -4.69 3.57 -18.21
N LEU A 208 -4.70 2.25 -18.36
CA LEU A 208 -3.49 1.44 -18.33
C LEU A 208 -2.54 1.89 -19.44
N LYS A 209 -3.07 2.02 -20.67
CA LYS A 209 -2.30 2.48 -21.83
C LYS A 209 -1.64 3.82 -21.58
N ASP A 210 -2.43 4.80 -21.11
CA ASP A 210 -1.92 6.14 -20.84
C ASP A 210 -0.90 6.10 -19.74
N HIS A 211 -1.17 5.30 -18.69
CA HIS A 211 -0.23 5.14 -17.62
C HIS A 211 1.14 4.60 -18.09
N VAL A 212 1.11 3.51 -18.85
CA VAL A 212 2.34 2.89 -19.38
C VAL A 212 3.16 3.85 -20.24
N THR A 213 2.47 4.54 -21.15
CA THR A 213 3.08 5.54 -22.03
C THR A 213 3.67 6.73 -21.25
N PHE A 214 2.89 7.30 -20.31
CA PHE A 214 3.37 8.37 -19.44
C PHE A 214 4.65 7.95 -18.69
N ASN A 215 4.65 6.76 -18.08
CA ASN A 215 5.82 6.27 -17.35
C ASN A 215 6.99 5.91 -18.25
N ASN A 216 6.76 5.86 -19.55
CA ASN A 216 7.85 5.66 -20.48
C ASN A 216 8.22 6.97 -21.18
N GLY A 217 7.93 8.07 -20.49
CA GLY A 217 8.30 9.41 -20.96
C GLY A 217 7.61 9.82 -22.25
N GLY A 218 6.41 9.29 -22.50
CA GLY A 218 5.61 9.71 -23.64
C GLY A 218 5.66 8.81 -24.85
N LEU A 219 6.52 7.78 -24.83
CA LEU A 219 6.53 6.78 -25.91
C LEU A 219 5.79 5.51 -25.53
N ASN A 220 5.12 4.93 -26.53
CA ASN A 220 4.32 3.73 -26.33
C ASN A 220 5.17 2.51 -26.06
N ARG A 221 4.57 1.56 -25.35
CA ARG A 221 5.16 0.26 -25.18
C ARG A 221 4.12 -0.82 -25.53
N PRO A 222 3.74 -0.92 -26.84
CA PRO A 222 2.61 -1.80 -27.22
C PRO A 222 2.88 -3.28 -26.98
N ASN A 223 4.14 -3.72 -27.19
CA ASN A 223 4.55 -5.08 -26.85
C ASN A 223 4.56 -5.31 -25.34
N TYR A 224 4.98 -4.31 -24.56
CA TYR A 224 4.92 -4.47 -23.09
C TYR A 224 3.46 -4.58 -22.61
N LEU A 225 2.60 -3.71 -23.12
CA LEU A 225 1.18 -3.78 -22.82
C LEU A 225 0.58 -5.17 -23.21
N SER A 226 0.97 -5.69 -24.37
CA SER A 226 0.57 -7.05 -24.78
C SER A 226 1.00 -8.11 -23.78
N LYS A 227 2.25 -8.05 -23.33
CA LYS A 227 2.77 -9.06 -22.40
C LYS A 227 2.03 -8.97 -21.07
N LEU A 228 1.76 -7.74 -20.66
CA LEU A 228 1.00 -7.43 -19.47
C LEU A 228 -0.42 -8.02 -19.48
N LEU A 229 -1.16 -7.73 -20.55
CA LEU A 229 -2.51 -8.30 -20.72
C LEU A 229 -2.46 -9.81 -20.93
N GLY A 230 -1.37 -10.31 -21.50
CA GLY A 230 -1.09 -11.75 -21.64
C GLY A 230 -0.98 -12.54 -20.35
N LYS A 231 -0.75 -11.85 -19.22
CA LYS A 231 -0.83 -12.51 -17.93
C LYS A 231 -2.25 -12.97 -17.55
N LEU A 232 -3.26 -12.31 -18.10
CA LEU A 232 -4.66 -12.68 -17.83
C LEU A 232 -5.07 -14.12 -18.25
N PRO A 233 -4.83 -14.54 -19.54
CA PRO A 233 -5.12 -15.94 -19.93
C PRO A 233 -4.42 -16.99 -19.07
N GLU A 234 -3.20 -16.72 -18.63
CA GLU A 234 -2.44 -17.59 -17.70
C GLU A 234 -3.16 -17.80 -16.34
N LEU A 235 -3.94 -16.81 -15.90
CA LEU A 235 -4.75 -16.98 -14.70
C LEU A 235 -5.80 -18.08 -14.85
N ARG A 236 -6.25 -18.34 -16.06
CA ARG A 236 -7.28 -19.36 -16.28
C ARG A 236 -6.79 -20.75 -15.87
N THR A 237 -5.57 -21.09 -16.29
CA THR A 237 -4.91 -22.34 -15.90
C THR A 237 -4.79 -22.46 -14.40
N LEU A 238 -4.36 -21.39 -13.75
CA LEU A 238 -4.23 -21.36 -12.29
C LEU A 238 -5.57 -21.55 -11.58
N CYS A 239 -6.63 -21.05 -12.21
CA CYS A 239 -7.98 -21.21 -11.70
C CYS A 239 -8.41 -22.67 -11.76
N THR A 240 -8.20 -23.28 -12.91
CA THR A 240 -8.47 -24.70 -13.10
C THR A 240 -7.67 -25.56 -12.13
N GLN A 241 -6.43 -25.20 -11.85
CA GLN A 241 -5.64 -25.97 -10.88
C GLN A 241 -6.21 -25.81 -9.48
N GLY A 242 -6.76 -24.63 -9.14
CA GLY A 242 -7.46 -24.44 -7.88
C GLY A 242 -8.74 -25.27 -7.80
N LEU A 243 -9.52 -25.31 -8.88
CA LEU A 243 -10.67 -26.20 -8.96
C LEU A 243 -10.30 -27.68 -8.78
N GLN A 244 -9.22 -28.11 -9.41
CA GLN A 244 -8.69 -29.48 -9.29
C GLN A 244 -8.37 -29.83 -7.81
N ARG A 245 -7.80 -28.87 -7.08
CA ARG A 245 -7.47 -29.08 -5.68
C ARG A 245 -8.73 -29.25 -4.83
N ILE A 246 -9.71 -28.39 -5.05
CA ILE A 246 -10.99 -28.52 -4.34
C ILE A 246 -11.66 -29.84 -4.68
N PHE A 247 -11.66 -30.21 -5.97
CA PHE A 247 -12.16 -31.50 -6.44
C PHE A 247 -11.51 -32.65 -5.68
N TYR A 248 -10.18 -32.62 -5.62
CA TYR A 248 -9.45 -33.65 -4.92
C TYR A 248 -9.84 -33.72 -3.42
N LEU A 249 -9.81 -32.57 -2.75
CA LEU A 249 -10.17 -32.50 -1.33
C LEU A 249 -11.58 -32.94 -1.06
N LYS A 250 -12.50 -32.57 -1.93
CA LYS A 250 -13.90 -33.03 -1.80
C LYS A 250 -14.04 -34.55 -1.95
N LEU A 251 -13.35 -35.11 -2.92
CA LEU A 251 -13.34 -36.57 -3.08
C LEU A 251 -12.61 -37.26 -1.90
N GLU A 252 -11.52 -36.68 -1.42
CA GLU A 252 -10.81 -37.27 -0.29
C GLU A 252 -11.72 -37.27 0.96
N ASP A 253 -12.45 -36.17 1.15
CA ASP A 253 -13.53 -36.14 2.12
C ASP A 253 -13.04 -36.27 3.57
N LEU A 254 -11.82 -35.82 3.84
CA LEU A 254 -11.34 -35.74 5.20
C LEU A 254 -11.97 -34.49 5.87
N VAL A 255 -11.88 -33.34 5.22
CA VAL A 255 -12.60 -32.14 5.59
C VAL A 255 -13.35 -31.68 4.33
N PRO A 256 -14.67 -31.85 4.32
CA PRO A 256 -15.54 -31.34 3.26
C PRO A 256 -15.43 -29.83 3.12
N PRO A 257 -15.59 -29.27 1.90
CA PRO A 257 -15.49 -27.81 1.80
C PRO A 257 -16.67 -27.12 2.50
N PRO A 258 -16.47 -25.90 3.04
CA PRO A 258 -17.65 -25.30 3.67
C PRO A 258 -18.66 -24.86 2.59
N ALA A 259 -19.90 -24.62 3.02
CA ALA A 259 -21.04 -24.53 2.11
C ALA A 259 -20.83 -23.53 0.95
N ILE A 260 -20.25 -22.37 1.25
CA ILE A 260 -20.07 -21.35 0.22
C ILE A 260 -19.08 -21.75 -0.88
N ILE A 261 -18.03 -22.48 -0.49
CA ILE A 261 -17.04 -23.01 -1.44
C ILE A 261 -17.66 -24.14 -2.25
N ASP A 262 -18.34 -25.06 -1.57
CA ASP A 262 -19.02 -26.20 -2.18
C ASP A 262 -20.02 -25.74 -3.23
N LYS A 263 -20.85 -24.78 -2.87
CA LYS A 263 -21.86 -24.24 -3.76
C LYS A 263 -21.24 -23.61 -4.99
N LEU A 264 -20.29 -22.70 -4.80
CA LEU A 264 -19.59 -22.08 -5.94
C LEU A 264 -18.83 -23.13 -6.81
N PHE A 265 -18.19 -24.09 -6.14
CA PHE A 265 -17.45 -25.16 -6.83
C PHE A 265 -18.41 -25.97 -7.73
N LEU A 266 -19.47 -26.48 -7.11
CA LEU A 266 -20.47 -27.31 -7.81
C LEU A 266 -21.20 -26.56 -8.94
N ASP A 267 -21.59 -25.30 -8.69
CA ASP A 267 -22.28 -24.47 -9.70
C ASP A 267 -21.43 -24.20 -10.97
N THR A 268 -20.13 -24.03 -10.78
CA THR A 268 -19.10 -23.91 -11.84
C THR A 268 -18.89 -25.15 -12.74
N LEU A 269 -19.07 -26.34 -12.19
CA LEU A 269 -18.90 -27.58 -12.96
C LEU A 269 -19.85 -27.76 -14.14
N PRO A 270 -19.29 -28.09 -15.34
CA PRO A 270 -20.05 -28.39 -16.56
C PRO A 270 -20.80 -29.68 -16.52
N PHE A 271 -20.88 -30.35 -15.37
CA PHE A 271 -21.54 -31.68 -15.27
C PHE A 271 -22.06 -31.93 -13.86
N PRO B 33 12.98 -4.84 -16.46
CA PRO B 33 13.01 -3.49 -17.05
C PRO B 33 12.41 -2.42 -16.10
N PRO B 34 13.25 -1.50 -15.56
CA PRO B 34 12.93 -0.72 -14.34
C PRO B 34 11.62 0.12 -14.35
N VAL B 35 10.95 0.09 -13.21
CA VAL B 35 9.89 1.00 -12.89
C VAL B 35 10.44 2.47 -12.96
N SER B 36 9.59 3.40 -13.38
CA SER B 36 9.86 4.84 -13.30
C SER B 36 10.11 5.34 -11.87
N LEU B 37 10.78 6.49 -11.74
CA LEU B 37 11.02 7.10 -10.44
C LEU B 37 9.74 7.32 -9.59
N ILE B 38 8.73 7.93 -10.21
CA ILE B 38 7.47 8.20 -9.51
C ILE B 38 6.79 6.90 -9.01
N SER B 39 6.83 5.84 -9.84
CA SER B 39 6.35 4.50 -9.46
C SER B 39 7.09 3.95 -8.26
N ALA B 40 8.41 4.11 -8.26
CA ALA B 40 9.21 3.69 -7.10
C ALA B 40 8.86 4.52 -5.85
N LEU B 41 8.60 5.81 -6.03
CA LEU B 41 8.19 6.68 -4.91
C LEU B 41 6.82 6.29 -4.38
N VAL B 42 5.90 5.90 -5.28
CA VAL B 42 4.57 5.45 -4.86
C VAL B 42 4.68 4.15 -4.05
N ARG B 43 5.50 3.22 -4.55
CA ARG B 43 5.68 1.95 -3.89
C ARG B 43 6.28 2.16 -2.46
N ALA B 44 7.25 3.05 -2.38
CA ALA B 44 7.92 3.34 -1.12
C ALA B 44 6.86 3.87 -0.13
N HIS B 45 5.98 4.75 -0.62
CA HIS B 45 4.89 5.27 0.19
C HIS B 45 3.89 4.16 0.63
N VAL B 46 3.37 3.41 -0.34
CA VAL B 46 2.37 2.36 -0.07
C VAL B 46 2.92 1.28 0.91
N ASP B 47 4.17 0.87 0.70
CA ASP B 47 4.76 -0.14 1.55
C ASP B 47 5.26 0.37 2.92
N SER B 48 5.07 1.64 3.20
CA SER B 48 5.44 2.16 4.51
C SER B 48 4.26 2.80 5.26
N ASN B 49 3.04 2.54 4.77
CA ASN B 49 1.83 3.16 5.31
C ASN B 49 0.77 2.11 5.56
N PRO B 50 -0.13 2.34 6.53
CA PRO B 50 -1.18 1.34 6.72
C PRO B 50 -2.22 1.43 5.59
N ALA B 51 -3.10 0.45 5.51
CA ALA B 51 -4.26 0.56 4.62
C ALA B 51 -5.55 0.55 5.43
N MET B 52 -6.69 0.73 4.79
CA MET B 52 -8.00 0.54 5.44
C MET B 52 -8.12 -0.80 6.15
N THR B 53 -7.46 -1.83 5.62
CA THR B 53 -7.51 -3.17 6.23
C THR B 53 -6.62 -3.31 7.49
N SER B 54 -5.65 -2.42 7.66
CA SER B 54 -4.75 -2.55 8.79
C SER B 54 -5.11 -1.59 9.90
N LEU B 55 -6.29 -0.95 9.85
CA LEU B 55 -6.65 0.04 10.90
C LEU B 55 -6.99 -0.62 12.21
N ASP B 56 -6.34 -0.10 13.25
CA ASP B 56 -6.37 -0.73 14.57
C ASP B 56 -7.03 0.26 15.52
N TYR B 57 -8.27 -0.05 15.88
CA TYR B 57 -9.07 0.72 16.83
C TYR B 57 -8.90 0.28 18.29
N SER B 58 -7.98 -0.65 18.56
CA SER B 58 -7.86 -1.25 19.93
C SER B 58 -7.38 -0.28 21.02
N ARG B 59 -6.92 0.91 20.64
CA ARG B 59 -6.57 1.93 21.63
C ARG B 59 -7.41 3.20 21.56
N PHE B 60 -8.27 3.29 20.55
CA PHE B 60 -9.01 4.52 20.24
C PHE B 60 -10.10 4.76 21.26
N GLN B 61 -10.29 6.03 21.62
CA GLN B 61 -11.41 6.45 22.48
C GLN B 61 -11.96 7.79 22.01
N ALA B 62 -13.21 7.78 21.55
CA ALA B 62 -13.87 8.98 21.03
C ALA B 62 -14.08 10.10 22.06
N ASN B 63 -14.04 9.79 23.36
CA ASN B 63 -14.55 10.72 24.37
C ASN B 63 -13.90 10.81 25.76
N PRO B 64 -12.55 10.87 25.85
CA PRO B 64 -11.95 10.78 27.20
C PRO B 64 -12.16 12.01 28.08
N ASP B 72 -0.61 10.40 33.72
CA ASP B 72 -0.74 10.07 32.30
C ASP B 72 0.64 9.90 31.64
N THR B 73 1.51 9.27 32.41
CA THR B 73 2.78 8.74 31.93
C THR B 73 2.56 7.69 30.80
N GLN B 74 1.38 7.06 30.80
CA GLN B 74 0.97 6.10 29.78
C GLN B 74 0.87 6.76 28.40
N HIS B 75 0.23 7.93 28.35
CA HIS B 75 0.10 8.67 27.10
C HIS B 75 1.45 9.17 26.58
N ILE B 76 2.36 9.56 27.48
CA ILE B 76 3.72 9.94 27.12
C ILE B 76 4.46 8.74 26.53
N GLN B 77 4.37 7.59 27.19
CA GLN B 77 5.05 6.36 26.75
C GLN B 77 4.56 5.98 25.35
N GLN B 78 3.25 6.04 25.13
CA GLN B 78 2.70 5.76 23.82
C GLN B 78 3.19 6.75 22.74
N PHE B 79 3.25 8.02 23.12
CA PHE B 79 3.82 9.06 22.27
C PHE B 79 5.25 8.67 21.85
N TYR B 80 6.10 8.25 22.81
CA TYR B 80 7.44 7.74 22.46
C TYR B 80 7.43 6.52 21.52
N ASP B 81 6.59 5.52 21.85
CA ASP B 81 6.44 4.31 21.00
C ASP B 81 6.02 4.67 19.59
N LEU B 82 5.10 5.62 19.46
CA LEU B 82 4.70 6.00 18.11
C LEU B 82 5.82 6.67 17.35
N LEU B 83 6.62 7.52 18.04
CA LEU B 83 7.76 8.13 17.39
C LEU B 83 8.80 7.05 17.01
N THR B 84 9.12 6.14 17.93
CA THR B 84 10.21 5.17 17.63
C THR B 84 9.79 4.15 16.56
N GLY B 85 8.55 3.66 16.64
CA GLY B 85 7.95 2.81 15.56
C GLY B 85 8.03 3.52 14.19
N SER B 86 7.63 4.76 14.17
CA SER B 86 7.69 5.54 12.93
C SER B 86 9.11 5.80 12.36
N MET B 87 10.11 5.96 13.25
CA MET B 87 11.53 6.10 12.86
C MET B 87 11.99 4.97 11.96
N GLU B 88 11.70 3.75 12.39
CA GLU B 88 12.14 2.59 11.63
C GLU B 88 11.43 2.50 10.24
N ILE B 89 10.12 2.75 10.23
CA ILE B 89 9.32 2.69 9.01
C ILE B 89 9.74 3.79 8.03
N ILE B 90 9.99 5.00 8.51
CA ILE B 90 10.43 6.10 7.65
C ILE B 90 11.84 5.86 7.08
N ARG B 91 12.69 5.24 7.90
CA ARG B 91 14.02 4.85 7.46
C ARG B 91 13.89 3.85 6.31
N GLY B 92 12.99 2.87 6.44
CA GLY B 92 12.74 1.89 5.36
C GLY B 92 12.19 2.56 4.11
N TRP B 93 11.28 3.51 4.30
CA TRP B 93 10.76 4.33 3.20
C TRP B 93 11.90 5.03 2.45
N ALA B 94 12.80 5.67 3.20
CA ALA B 94 13.91 6.47 2.66
C ALA B 94 14.85 5.61 1.80
N GLU B 95 15.15 4.43 2.29
CA GLU B 95 16.01 3.48 1.58
C GLU B 95 15.36 2.93 0.30
N LYS B 96 14.03 3.07 0.17
CA LYS B 96 13.35 2.67 -1.04
C LYS B 96 13.26 3.81 -2.09
N ILE B 97 13.79 5.00 -1.77
CA ILE B 97 13.84 6.13 -2.74
C ILE B 97 15.04 5.88 -3.66
N PRO B 98 14.81 5.75 -4.99
CA PRO B 98 15.95 5.46 -5.87
C PRO B 98 17.02 6.54 -5.75
N GLY B 99 18.28 6.11 -5.67
CA GLY B 99 19.37 7.04 -5.48
C GLY B 99 19.73 7.37 -4.04
N PHE B 100 18.82 7.18 -3.09
CA PHE B 100 19.11 7.54 -1.70
C PHE B 100 20.22 6.67 -1.11
N ALA B 101 20.14 5.36 -1.33
CA ALA B 101 21.20 4.41 -0.95
C ALA B 101 22.52 4.63 -1.69
N ASP B 102 22.50 5.39 -2.78
CA ASP B 102 23.75 5.74 -3.49
C ASP B 102 24.52 6.88 -2.83
N LEU B 103 23.88 7.61 -1.90
CA LEU B 103 24.56 8.72 -1.23
C LEU B 103 25.52 8.15 -0.16
N PRO B 104 26.58 8.91 0.20
CA PRO B 104 27.42 8.45 1.33
C PRO B 104 26.58 8.17 2.58
N LYS B 105 27.04 7.25 3.41
CA LYS B 105 26.26 6.88 4.60
C LYS B 105 25.94 8.07 5.51
N ALA B 106 26.96 8.92 5.72
CA ALA B 106 26.85 10.15 6.48
C ALA B 106 25.75 11.08 5.92
N ASP B 107 25.64 11.16 4.60
CA ASP B 107 24.64 11.98 3.93
C ASP B 107 23.23 11.41 4.16
N GLN B 108 23.12 10.09 4.00
CA GLN B 108 21.87 9.40 4.32
C GLN B 108 21.38 9.68 5.76
N ASP B 109 22.29 9.50 6.73
CA ASP B 109 22.00 9.79 8.15
C ASP B 109 21.65 11.26 8.34
N LEU B 110 22.44 12.19 7.76
CA LEU B 110 22.10 13.60 7.86
C LEU B 110 20.70 13.92 7.31
N LEU B 111 20.38 13.42 6.11
CA LEU B 111 19.08 13.67 5.47
C LEU B 111 17.94 13.10 6.30
N PHE B 112 18.09 11.84 6.72
CA PHE B 112 17.05 11.16 7.50
C PHE B 112 16.82 11.83 8.85
N GLU B 113 17.90 12.07 9.57
CA GLU B 113 17.80 12.62 10.91
C GLU B 113 17.23 14.01 10.94
N SER B 114 17.67 14.86 9.99
CA SER B 114 17.16 16.22 9.87
C SER B 114 15.68 16.29 9.51
N ALA B 115 15.19 15.28 8.79
CA ALA B 115 13.83 15.30 8.16
C ALA B 115 12.84 14.46 8.93
N PHE B 116 13.35 13.62 9.86
CA PHE B 116 12.49 12.64 10.49
C PHE B 116 11.16 13.17 11.01
N LEU B 117 11.22 14.22 11.82
CA LEU B 117 10.03 14.74 12.48
C LEU B 117 9.13 15.46 11.48
N GLU B 118 9.72 16.15 10.52
CA GLU B 118 8.94 16.67 9.38
C GLU B 118 8.16 15.58 8.65
N LEU B 119 8.83 14.44 8.39
CA LEU B 119 8.18 13.31 7.70
C LEU B 119 7.11 12.68 8.56
N PHE B 120 7.41 12.48 9.85
CA PHE B 120 6.42 11.94 10.78
C PHE B 120 5.13 12.79 10.74
N VAL B 121 5.27 14.12 10.74
CA VAL B 121 4.15 15.03 10.74
C VAL B 121 3.43 15.02 9.38
N LEU B 122 4.20 15.07 8.29
CA LEU B 122 3.64 15.13 6.95
C LEU B 122 2.78 13.91 6.64
N ARG B 123 3.32 12.73 6.96
CA ARG B 123 2.68 11.46 6.66
C ARG B 123 1.51 11.26 7.55
N LEU B 124 1.63 11.70 8.81
CA LEU B 124 0.52 11.65 9.77
C LEU B 124 -0.62 12.52 9.30
N ALA B 125 -0.30 13.74 8.89
CA ALA B 125 -1.30 14.69 8.40
C ALA B 125 -2.02 14.19 7.14
N TYR B 126 -1.30 13.53 6.25
CA TYR B 126 -1.90 13.04 4.99
C TYR B 126 -2.89 11.89 5.24
N ARG B 127 -2.56 11.00 6.18
CA ARG B 127 -3.22 9.72 6.45
C ARG B 127 -4.41 9.91 7.34
N SER B 128 -4.40 10.98 8.15
CA SER B 128 -5.38 11.11 9.24
C SER B 128 -6.75 11.64 8.78
N ASN B 129 -7.71 11.66 9.70
CA ASN B 129 -9.04 12.19 9.40
C ASN B 129 -9.30 13.35 10.34
N PRO B 130 -8.84 14.58 9.94
CA PRO B 130 -8.88 15.75 10.82
C PRO B 130 -10.30 16.16 11.25
N VAL B 131 -11.27 16.09 10.33
CA VAL B 131 -12.67 16.38 10.57
C VAL B 131 -13.25 15.54 11.72
N GLU B 132 -12.81 14.28 11.82
CA GLU B 132 -13.30 13.41 12.89
C GLU B 132 -12.36 13.40 14.10
N GLY B 133 -11.27 14.16 14.03
CA GLY B 133 -10.25 14.17 15.08
C GLY B 133 -9.53 12.83 15.20
N LYS B 134 -9.38 12.10 14.08
CA LYS B 134 -8.74 10.80 14.08
C LYS B 134 -7.33 10.86 13.53
N LEU B 135 -6.34 10.64 14.41
CA LEU B 135 -4.95 10.53 14.02
C LEU B 135 -4.65 9.07 13.74
N ILE B 136 -4.00 8.83 12.62
CA ILE B 136 -3.77 7.48 12.14
C ILE B 136 -2.29 7.34 11.97
N PHE B 137 -1.69 6.50 12.78
CA PHE B 137 -0.20 6.29 12.81
C PHE B 137 0.24 5.22 11.83
N CYS B 138 1.56 5.12 11.55
CA CYS B 138 2.02 4.33 10.39
C CYS B 138 1.76 2.86 10.54
N ASN B 139 1.59 2.39 11.76
CA ASN B 139 1.19 1.00 11.98
C ASN B 139 -0.33 0.77 11.90
N GLY B 140 -1.10 1.82 11.56
CA GLY B 140 -2.57 1.66 11.49
C GLY B 140 -3.32 1.93 12.78
N VAL B 141 -2.61 2.26 13.86
CA VAL B 141 -3.23 2.68 15.15
C VAL B 141 -3.98 4.00 15.03
N VAL B 142 -5.23 3.99 15.45
CA VAL B 142 -6.09 5.17 15.43
C VAL B 142 -6.26 5.67 16.85
N LEU B 143 -5.99 6.95 17.04
CA LEU B 143 -6.15 7.65 18.33
C LEU B 143 -6.90 8.95 18.10
N HIS B 144 -7.76 9.32 19.04
CA HIS B 144 -8.43 10.59 18.96
C HIS B 144 -7.49 11.73 19.34
N ARG B 145 -7.71 12.89 18.70
CA ARG B 145 -7.02 14.14 19.05
C ARG B 145 -6.98 14.39 20.56
N LEU B 146 -8.10 14.15 21.24
CA LEU B 146 -8.20 14.33 22.66
C LEU B 146 -7.34 13.35 23.46
N GLN B 147 -7.08 12.17 22.88
CA GLN B 147 -6.15 11.24 23.49
C GLN B 147 -4.71 11.69 23.28
N CYS B 148 -4.43 12.33 22.13
CA CYS B 148 -3.08 12.71 21.75
C CYS B 148 -2.56 13.92 22.50
N VAL B 149 -3.46 14.76 22.99
CA VAL B 149 -3.18 15.94 23.77
C VAL B 149 -2.27 15.66 24.96
N ARG B 150 -2.56 14.58 25.67
CA ARG B 150 -1.80 14.21 26.86
C ARG B 150 -0.35 13.82 26.57
N GLY B 151 -0.10 13.18 25.42
CA GLY B 151 1.26 12.74 25.07
C GLY B 151 1.99 13.77 24.25
N PHE B 152 1.30 14.33 23.25
CA PHE B 152 1.88 15.22 22.24
C PHE B 152 1.88 16.70 22.70
N GLY B 153 1.03 17.03 23.68
CA GLY B 153 0.76 18.43 23.98
C GLY B 153 -0.04 19.05 22.84
N GLU B 154 -0.17 20.37 22.92
CA GLU B 154 -0.93 21.17 21.95
C GLU B 154 -0.40 21.13 20.52
N TRP B 155 0.84 20.74 20.34
CA TRP B 155 1.39 20.29 19.07
C TRP B 155 0.39 19.47 18.21
N ILE B 156 -0.38 18.57 18.85
CA ILE B 156 -1.34 17.77 18.08
C ILE B 156 -2.41 18.64 17.39
N ASP B 157 -2.86 19.71 18.05
CA ASP B 157 -3.76 20.69 17.44
C ASP B 157 -3.15 21.36 16.22
N SER B 158 -1.88 21.75 16.28
CA SER B 158 -1.19 22.24 15.06
C SER B 158 -1.14 21.19 13.95
N ILE B 159 -0.86 19.94 14.33
CA ILE B 159 -0.84 18.84 13.37
C ILE B 159 -2.20 18.65 12.66
N VAL B 160 -3.29 18.70 13.41
CA VAL B 160 -4.63 18.48 12.87
C VAL B 160 -5.02 19.60 11.92
N GLU B 161 -4.68 20.83 12.30
CA GLU B 161 -4.91 22.02 11.48
C GLU B 161 -4.16 21.89 10.14
N PHE B 162 -2.89 21.51 10.19
CA PHE B 162 -2.10 21.28 8.99
C PHE B 162 -2.68 20.14 8.13
N SER B 163 -3.12 19.05 8.80
CA SER B 163 -3.81 17.95 8.15
C SER B 163 -5.02 18.43 7.33
N SER B 164 -5.84 19.25 7.98
CA SER B 164 -7.01 19.87 7.39
C SER B 164 -6.63 20.68 6.16
N ASN B 165 -5.66 21.57 6.30
CA ASN B 165 -5.15 22.34 5.15
C ASN B 165 -4.56 21.48 4.04
N LEU B 166 -3.86 20.43 4.44
CA LEU B 166 -3.23 19.53 3.47
C LEU B 166 -4.28 18.78 2.63
N GLN B 167 -5.27 18.25 3.32
CA GLN B 167 -6.33 17.48 2.69
C GLN B 167 -7.26 18.28 1.81
N ASN B 168 -7.48 19.54 2.18
CA ASN B 168 -8.16 20.50 1.30
C ASN B 168 -7.51 20.67 -0.07
N MET B 169 -6.24 20.33 -0.19
CA MET B 169 -5.54 20.39 -1.47
C MET B 169 -5.76 19.21 -2.42
N ASN B 170 -6.39 18.14 -1.93
CA ASN B 170 -6.75 16.96 -2.76
C ASN B 170 -5.54 16.36 -3.48
N ILE B 171 -4.59 15.91 -2.69
CA ILE B 171 -3.33 15.47 -3.20
C ILE B 171 -3.44 13.96 -3.40
N ASP B 172 -3.31 13.49 -4.62
CA ASP B 172 -3.36 12.03 -4.87
C ASP B 172 -2.07 11.37 -4.37
N ILE B 173 -2.10 10.04 -4.32
CA ILE B 173 -0.98 9.25 -3.82
C ILE B 173 0.33 9.53 -4.53
N SER B 174 0.29 9.66 -5.87
CA SER B 174 1.48 9.92 -6.66
C SER B 174 2.10 11.28 -6.32
N ALA B 175 1.27 12.34 -6.28
CA ALA B 175 1.78 13.67 -5.90
C ALA B 175 2.34 13.70 -4.47
N PHE B 176 1.60 13.05 -3.54
CA PHE B 176 2.08 13.00 -2.18
C PHE B 176 3.43 12.26 -2.02
N SER B 177 3.57 11.16 -2.73
CA SER B 177 4.80 10.38 -2.70
C SER B 177 6.00 11.24 -3.07
N CYS B 178 5.83 12.16 -4.04
CA CYS B 178 6.86 13.08 -4.48
C CYS B 178 7.17 14.14 -3.42
N ILE B 179 6.12 14.70 -2.84
CA ILE B 179 6.21 15.74 -1.81
C ILE B 179 6.95 15.21 -0.55
N ALA B 180 6.55 14.03 -0.09
CA ALA B 180 7.24 13.31 0.98
C ALA B 180 8.73 13.16 0.70
N ALA B 181 9.07 12.68 -0.50
CA ALA B 181 10.47 12.51 -0.90
C ALA B 181 11.21 13.85 -0.84
N LEU B 182 10.53 14.92 -1.29
CA LEU B 182 11.13 16.26 -1.28
C LEU B 182 11.33 16.84 0.11
N ALA B 183 10.60 16.35 1.10
CA ALA B 183 10.80 16.81 2.46
C ALA B 183 12.12 16.24 2.97
N MET B 184 12.50 15.09 2.44
CA MET B 184 13.77 14.52 2.87
C MET B 184 14.97 14.79 1.97
N VAL B 185 14.77 14.69 0.66
CA VAL B 185 15.85 14.90 -0.30
C VAL B 185 15.90 16.40 -0.57
N THR B 186 16.71 17.08 0.25
CA THR B 186 16.74 18.54 0.27
C THR B 186 18.10 19.02 0.82
N GLU B 187 18.50 20.23 0.43
CA GLU B 187 19.75 20.86 0.94
C GLU B 187 19.83 20.89 2.48
N ARG B 188 20.95 20.40 3.01
CA ARG B 188 21.25 20.49 4.45
C ARG B 188 22.69 20.94 4.54
N HIS B 189 23.04 21.70 5.58
CA HIS B 189 24.46 22.09 5.72
C HIS B 189 25.28 20.88 6.15
N GLY B 190 26.42 20.71 5.51
CA GLY B 190 27.37 19.66 5.89
C GLY B 190 27.25 18.34 5.13
N LEU B 191 26.61 18.35 3.97
CA LEU B 191 26.55 17.16 3.12
C LEU B 191 27.90 16.94 2.41
N LYS B 192 28.34 15.68 2.34
CA LYS B 192 29.49 15.34 1.53
C LYS B 192 29.25 15.45 0.02
N GLU B 193 28.05 15.05 -0.45
CA GLU B 193 27.69 15.16 -1.86
C GLU B 193 26.43 16.02 -2.10
N PRO B 194 26.51 17.35 -1.83
CA PRO B 194 25.30 18.18 -1.97
C PRO B 194 24.76 18.25 -3.39
N LYS B 195 25.63 18.18 -4.41
CA LYS B 195 25.20 18.20 -5.81
C LYS B 195 24.35 17.00 -6.20
N ARG B 196 24.71 15.84 -5.67
CA ARG B 196 23.96 14.61 -5.90
C ARG B 196 22.57 14.66 -5.23
N VAL B 197 22.51 15.14 -4.00
CA VAL B 197 21.23 15.36 -3.34
C VAL B 197 20.37 16.33 -4.20
N GLU B 198 20.99 17.41 -4.67
CA GLU B 198 20.28 18.40 -5.46
C GLU B 198 19.78 17.84 -6.77
N GLU B 199 20.57 16.99 -7.44
CA GLU B 199 20.10 16.34 -8.65
C GLU B 199 18.90 15.42 -8.40
N LEU B 200 18.96 14.67 -7.29
CA LEU B 200 17.90 13.76 -7.00
C LEU B 200 16.63 14.60 -6.66
N GLN B 201 16.82 15.69 -5.90
CA GLN B 201 15.73 16.63 -5.61
C GLN B 201 15.05 17.07 -6.91
N ASN B 202 15.85 17.57 -7.84
CA ASN B 202 15.35 18.05 -9.10
C ASN B 202 14.62 16.96 -9.94
N LYS B 203 15.12 15.72 -9.90
CA LYS B 203 14.43 14.61 -10.57
C LYS B 203 13.03 14.41 -9.98
N ILE B 204 12.95 14.45 -8.66
CA ILE B 204 11.68 14.29 -7.95
C ILE B 204 10.71 15.45 -8.25
N VAL B 205 11.24 16.70 -8.28
CA VAL B 205 10.44 17.89 -8.62
C VAL B 205 9.80 17.69 -10.01
N ASN B 206 10.60 17.21 -10.95
CA ASN B 206 10.16 16.97 -12.31
C ASN B 206 9.09 15.88 -12.48
N CYS B 207 9.19 14.79 -11.71
CA CYS B 207 8.15 13.78 -11.61
C CYS B 207 6.87 14.40 -11.21
N LEU B 208 6.93 15.18 -10.14
CA LEU B 208 5.76 15.83 -9.56
C LEU B 208 5.10 16.74 -10.61
N LYS B 209 5.93 17.60 -11.24
CA LYS B 209 5.48 18.53 -12.26
C LYS B 209 4.76 17.82 -13.41
N ASP B 210 5.40 16.75 -13.94
CA ASP B 210 4.84 16.00 -15.06
C ASP B 210 3.56 15.30 -14.63
N HIS B 211 3.56 14.77 -13.39
CA HIS B 211 2.38 14.16 -12.86
C HIS B 211 1.18 15.13 -12.78
N VAL B 212 1.39 16.29 -12.18
CA VAL B 212 0.34 17.33 -12.07
C VAL B 212 -0.21 17.74 -13.45
N THR B 213 0.69 18.00 -14.40
CA THR B 213 0.34 18.35 -15.77
C THR B 213 -0.44 17.24 -16.49
N PHE B 214 0.05 16.00 -16.42
CA PHE B 214 -0.64 14.83 -16.98
C PHE B 214 -2.06 14.71 -16.43
N ASN B 215 -2.23 14.81 -15.10
CA ASN B 215 -3.55 14.73 -14.48
C ASN B 215 -4.46 15.91 -14.83
N ASN B 216 -3.89 16.97 -15.37
CA ASN B 216 -4.68 18.08 -15.81
C ASN B 216 -4.83 18.09 -17.34
N GLY B 217 -4.73 16.89 -17.91
CA GLY B 217 -4.94 16.67 -19.33
C GLY B 217 -3.94 17.38 -20.22
N GLY B 218 -2.72 17.59 -19.72
CA GLY B 218 -1.68 18.20 -20.52
C GLY B 218 -1.45 19.69 -20.34
N LEU B 219 -2.28 20.35 -19.55
CA LEU B 219 -2.07 21.75 -19.16
C LEU B 219 -1.41 21.88 -17.80
N ASN B 220 -0.54 22.87 -17.67
CA ASN B 220 0.18 23.12 -16.42
C ASN B 220 -0.74 23.67 -15.34
N ARG B 221 -0.36 23.42 -14.10
CA ARG B 221 -1.00 24.08 -12.96
C ARG B 221 0.09 24.69 -12.04
N PRO B 222 0.77 25.75 -12.54
CA PRO B 222 1.96 26.28 -11.85
C PRO B 222 1.66 26.86 -10.48
N ASN B 223 0.49 27.50 -10.33
CA ASN B 223 0.00 27.98 -9.04
C ASN B 223 -0.35 26.84 -8.10
N TYR B 224 -0.96 25.77 -8.62
CA TYR B 224 -1.26 24.60 -7.79
C TYR B 224 0.04 23.95 -7.28
N LEU B 225 1.01 23.78 -8.19
CA LEU B 225 2.29 23.23 -7.83
C LEU B 225 2.98 24.09 -6.75
N SER B 226 2.91 25.42 -6.90
CA SER B 226 3.46 26.34 -5.92
C SER B 226 2.83 26.15 -4.55
N LYS B 227 1.50 26.03 -4.50
CA LYS B 227 0.83 25.92 -3.22
C LYS B 227 1.18 24.59 -2.54
N LEU B 228 1.30 23.56 -3.38
CA LEU B 228 1.70 22.24 -2.97
C LEU B 228 3.11 22.22 -2.32
N LEU B 229 4.10 22.78 -3.02
CA LEU B 229 5.46 22.86 -2.50
C LEU B 229 5.56 23.80 -1.32
N GLY B 230 4.66 24.80 -1.27
CA GLY B 230 4.53 25.69 -0.09
C GLY B 230 4.17 25.02 1.23
N LYS B 231 3.60 23.81 1.18
CA LYS B 231 3.38 23.03 2.39
C LYS B 231 4.68 22.56 3.07
N LEU B 232 5.74 22.40 2.29
CA LEU B 232 7.03 21.94 2.84
C LEU B 232 7.68 22.87 3.91
N PRO B 233 7.84 24.21 3.63
CA PRO B 233 8.40 25.11 4.66
C PRO B 233 7.60 25.10 5.97
N GLU B 234 6.28 24.98 5.89
CA GLU B 234 5.39 24.84 7.05
C GLU B 234 5.73 23.63 7.96
N LEU B 235 6.27 22.56 7.37
CA LEU B 235 6.73 21.42 8.15
C LEU B 235 7.86 21.77 9.11
N ARG B 236 8.66 22.77 8.79
CA ARG B 236 9.76 23.14 9.69
C ARG B 236 9.25 23.59 11.08
N THR B 237 8.25 24.48 11.06
CA THR B 237 7.60 24.95 12.28
C THR B 237 6.98 23.81 13.07
N LEU B 238 6.29 22.90 12.37
CA LEU B 238 5.71 21.73 13.01
C LEU B 238 6.75 20.85 13.68
N CYS B 239 7.93 20.77 13.06
CA CYS B 239 9.04 20.02 13.59
C CYS B 239 9.55 20.64 14.89
N THR B 240 9.77 21.95 14.85
CA THR B 240 10.20 22.71 16.03
C THR B 240 9.22 22.54 17.19
N GLN B 241 7.91 22.53 16.90
CA GLN B 241 6.93 22.33 17.97
C GLN B 241 7.04 20.95 18.59
N GLY B 242 7.35 19.95 17.77
CA GLY B 242 7.60 18.60 18.26
C GLY B 242 8.87 18.50 19.09
N LEU B 243 9.94 19.13 18.61
CA LEU B 243 11.20 19.16 19.34
C LEU B 243 11.06 19.83 20.71
N GLN B 244 10.30 20.93 20.77
CA GLN B 244 10.00 21.58 22.06
C GLN B 244 9.31 20.64 23.08
N ARG B 245 8.39 19.81 22.60
CA ARG B 245 7.73 18.83 23.48
C ARG B 245 8.72 17.79 24.03
N ILE B 246 9.57 17.26 23.17
CA ILE B 246 10.59 16.32 23.59
C ILE B 246 11.55 16.98 24.59
N PHE B 247 11.98 18.22 24.27
CA PHE B 247 12.80 19.03 25.16
C PHE B 247 12.16 19.14 26.53
N TYR B 248 10.89 19.51 26.57
CA TYR B 248 10.16 19.66 27.81
C TYR B 248 10.19 18.34 28.61
N LEU B 249 9.78 17.24 27.96
CA LEU B 249 9.70 15.94 28.63
C LEU B 249 11.05 15.50 29.17
N LYS B 250 12.09 15.71 28.36
CA LYS B 250 13.46 15.39 28.81
C LYS B 250 13.92 16.19 30.03
N LEU B 251 13.64 17.48 30.00
CA LEU B 251 13.99 18.32 31.12
C LEU B 251 13.13 18.05 32.34
N GLU B 252 11.86 17.74 32.13
CA GLU B 252 10.99 17.42 33.26
C GLU B 252 11.49 16.16 33.94
N ASP B 253 11.88 15.17 33.12
CA ASP B 253 12.58 14.00 33.64
C ASP B 253 11.72 13.12 34.55
N LEU B 254 10.41 13.17 34.35
CA LEU B 254 9.50 12.32 35.07
C LEU B 254 9.21 11.08 34.23
N VAL B 255 9.06 11.24 32.92
CA VAL B 255 9.00 10.11 31.95
C VAL B 255 10.05 10.32 30.82
N PRO B 256 11.29 9.88 31.05
CA PRO B 256 12.42 10.23 30.20
C PRO B 256 12.30 9.56 28.83
N PRO B 257 12.81 10.19 27.75
CA PRO B 257 12.64 9.54 26.43
C PRO B 257 13.52 8.28 26.31
N PRO B 258 13.12 7.32 25.47
CA PRO B 258 14.03 6.19 25.33
C PRO B 258 15.30 6.60 24.55
N ALA B 259 16.29 5.72 24.63
CA ALA B 259 17.63 5.93 24.08
C ALA B 259 17.64 6.40 22.62
N ILE B 260 16.80 5.83 21.79
CA ILE B 260 16.83 6.18 20.39
C ILE B 260 16.31 7.60 20.10
N ILE B 261 15.37 8.06 20.92
CA ILE B 261 14.88 9.46 20.86
C ILE B 261 15.96 10.41 21.38
N ASP B 262 16.57 10.06 22.51
CA ASP B 262 17.65 10.82 23.09
C ASP B 262 18.80 11.04 22.10
N LYS B 263 19.24 9.93 21.48
CA LYS B 263 20.31 9.96 20.51
C LYS B 263 19.97 10.87 19.30
N LEU B 264 18.82 10.68 18.68
CA LEU B 264 18.41 11.51 17.55
C LEU B 264 18.26 13.00 17.96
N PHE B 265 17.67 13.23 19.15
CA PHE B 265 17.47 14.58 19.69
C PHE B 265 18.84 15.27 19.84
N LEU B 266 19.74 14.61 20.56
CA LEU B 266 21.07 15.16 20.85
C LEU B 266 21.94 15.35 19.59
N ASP B 267 21.91 14.39 18.67
CA ASP B 267 22.68 14.47 17.40
C ASP B 267 22.27 15.66 16.51
N THR B 268 20.98 15.98 16.50
CA THR B 268 20.44 16.88 15.48
C THR B 268 20.32 18.25 16.05
N LEU B 269 20.50 18.43 17.36
CA LEU B 269 20.31 19.78 17.96
C LEU B 269 21.32 20.83 17.46
N PRO B 270 20.82 21.99 16.98
CA PRO B 270 21.65 23.05 16.41
C PRO B 270 22.43 23.82 17.42
N PHE B 271 22.38 23.46 18.71
CA PHE B 271 23.20 24.15 19.73
C PHE B 271 23.46 23.23 20.93
#